data_7MRS
#
_entry.id   7MRS
#
_cell.length_a   74.980
_cell.length_b   88.190
_cell.length_c   89.770
_cell.angle_alpha   90.000
_cell.angle_beta   90.000
_cell.angle_gamma   90.000
#
_symmetry.space_group_name_H-M   'P 21 21 21'
#
loop_
_entity.id
_entity.type
_entity.pdbx_description
1 polymer Contactin-4
2 polymer 'Amyloid-beta A4 protein'
3 water water
#
loop_
_entity_poly.entity_id
_entity_poly.type
_entity_poly.pdbx_seq_one_letter_code
_entity_poly.pdbx_strand_id
1 'polypeptide(L)'
;GSTGSPPGPPTSIHVEEITDTTATLSWRPGPDNHSPITAYTIQARTPFSLGWQAVSTVPEVVGGSHLTATVIELNPWVEY
EFRVLASNAVGTGEPSKPSKKARTKDTVPKVTPANVSGGGGSRSELVITWEPVPEELQNGAGFGYVVAFRPFGSTGWMQA
AVPSPEASKYVFKNETILPFSPFQVKVGAYNNKGEGPFGPVITIYSAEEEPGRAPSRLRAKSLSASDVEVSWKALPWSTS
KKRVLGYELRYWEKNEKEDASSVLRTVGNRTLAIIQGLKGSSTYYITVRAYNTAGTGPPSPVVNITTKK
;
A
2 'polypeptide(L)'
;GPGSIEVPSDDSVGLLAEPQVAMFCGKLNMHINVQSGKWEPDPTGTKSCISTKEGILKYCQEVYPDLQITNVVEANQPVS
IQNWCKMGRRQCRSHTHIVVPYRCLVGEFVSDALLVPDKCKFLHQERMDMCESHLHWHTVAKESCGDRSMNLHDYGMLLP
CGIDRFRGVEFVCCPMEEQKDLDSEAAA
;
B
#
# COMPACT_ATOMS: atom_id res chain seq x y z
N GLY A 4 -40.07 -32.33 -25.71
CA GLY A 4 -38.69 -32.79 -25.69
C GLY A 4 -37.68 -31.66 -25.85
N SER A 5 -37.46 -30.91 -24.78
CA SER A 5 -36.64 -29.70 -24.81
C SER A 5 -35.66 -29.73 -23.64
N PRO A 6 -34.79 -28.73 -23.43
CA PRO A 6 -33.87 -28.79 -22.28
C PRO A 6 -34.63 -28.77 -20.96
N PRO A 7 -33.99 -29.16 -19.85
CA PRO A 7 -34.70 -29.22 -18.57
C PRO A 7 -34.89 -27.82 -17.99
N GLY A 8 -35.64 -27.77 -16.89
CA GLY A 8 -35.88 -26.53 -16.19
C GLY A 8 -34.76 -26.18 -15.24
N PRO A 9 -34.90 -25.03 -14.58
CA PRO A 9 -33.87 -24.59 -13.63
C PRO A 9 -34.04 -25.26 -12.29
N PRO A 10 -32.95 -25.57 -11.60
CA PRO A 10 -33.05 -26.05 -10.21
C PRO A 10 -33.53 -24.93 -9.30
N THR A 11 -33.90 -25.31 -8.08
CA THR A 11 -34.44 -24.36 -7.11
C THR A 11 -33.80 -24.60 -5.75
N SER A 12 -33.96 -23.60 -4.88
CA SER A 12 -33.52 -23.68 -3.48
C SER A 12 -32.04 -24.02 -3.36
N ILE A 13 -31.21 -23.12 -3.91
CA ILE A 13 -29.77 -23.27 -3.78
C ILE A 13 -29.36 -22.95 -2.35
N HIS A 14 -28.62 -23.85 -1.72
CA HIS A 14 -28.24 -23.70 -0.33
C HIS A 14 -26.77 -24.05 -0.15
N VAL A 15 -26.09 -23.32 0.74
CA VAL A 15 -24.70 -23.57 1.09
C VAL A 15 -24.69 -24.40 2.36
N GLU A 16 -24.35 -25.69 2.23
CA GLU A 16 -24.27 -26.55 3.40
C GLU A 16 -23.14 -26.12 4.33
N GLU A 17 -21.94 -25.97 3.78
CA GLU A 17 -20.81 -25.44 4.53
C GLU A 17 -19.90 -24.70 3.55
N ILE A 18 -18.98 -23.92 4.10
CA ILE A 18 -18.02 -23.18 3.29
C ILE A 18 -16.71 -23.10 4.04
N THR A 19 -15.60 -23.23 3.32
CA THR A 19 -14.29 -23.14 3.93
C THR A 19 -13.49 -22.01 3.30
N ASP A 20 -12.17 -22.05 3.44
CA ASP A 20 -11.35 -21.01 2.81
C ASP A 20 -11.35 -21.13 1.29
N THR A 21 -11.43 -22.36 0.76
CA THR A 21 -11.34 -22.59 -0.68
C THR A 21 -12.46 -23.45 -1.24
N THR A 22 -13.33 -24.03 -0.41
CA THR A 22 -14.38 -24.94 -0.89
C THR A 22 -15.74 -24.48 -0.38
N ALA A 23 -16.78 -24.98 -1.04
CA ALA A 23 -18.15 -24.66 -0.67
C ALA A 23 -19.05 -25.83 -1.07
N THR A 24 -19.69 -26.45 -0.09
CA THR A 24 -20.60 -27.56 -0.34
C THR A 24 -22.00 -27.02 -0.56
N LEU A 25 -22.60 -27.36 -1.69
CA LEU A 25 -23.89 -26.85 -2.09
C LEU A 25 -24.91 -27.97 -2.21
N SER A 26 -26.18 -27.60 -2.15
CA SER A 26 -27.28 -28.52 -2.38
C SER A 26 -28.38 -27.77 -3.13
N TRP A 27 -29.21 -28.54 -3.84
CA TRP A 27 -30.25 -27.92 -4.66
C TRP A 27 -31.37 -28.91 -4.87
N ARG A 28 -32.51 -28.40 -5.34
CA ARG A 28 -33.67 -29.21 -5.64
C ARG A 28 -33.87 -29.30 -7.14
N PRO A 29 -34.25 -30.47 -7.67
CA PRO A 29 -34.36 -30.62 -9.12
C PRO A 29 -35.59 -29.94 -9.67
N GLY A 30 -35.49 -29.54 -10.95
CA GLY A 30 -36.61 -28.97 -11.66
C GLY A 30 -37.22 -29.99 -12.59
N PRO A 31 -38.09 -29.54 -13.49
CA PRO A 31 -38.67 -30.46 -14.47
C PRO A 31 -37.64 -30.91 -15.48
N ASP A 32 -37.70 -32.19 -15.85
CA ASP A 32 -36.79 -32.75 -16.82
C ASP A 32 -37.26 -32.56 -18.26
N ASN A 33 -38.50 -32.09 -18.45
CA ASN A 33 -39.07 -31.83 -19.77
C ASN A 33 -39.00 -33.07 -20.65
N HIS A 34 -39.45 -34.20 -20.10
CA HIS A 34 -39.55 -35.49 -20.77
C HIS A 34 -38.20 -36.09 -21.12
N SER A 35 -37.10 -35.53 -20.63
CA SER A 35 -35.75 -36.01 -20.91
C SER A 35 -34.98 -36.09 -19.61
N PRO A 36 -34.50 -37.27 -19.21
CA PRO A 36 -33.90 -37.42 -17.87
C PRO A 36 -32.67 -36.55 -17.72
N ILE A 37 -32.66 -35.76 -16.65
CA ILE A 37 -31.52 -34.89 -16.38
C ILE A 37 -30.27 -35.75 -16.20
N THR A 38 -29.28 -35.55 -17.06
CA THR A 38 -28.09 -36.37 -17.05
C THR A 38 -26.98 -35.81 -16.17
N ALA A 39 -26.88 -34.48 -16.04
CA ALA A 39 -25.81 -33.89 -15.26
C ALA A 39 -26.20 -32.48 -14.82
N TYR A 40 -25.54 -32.01 -13.77
CA TYR A 40 -25.64 -30.63 -13.28
C TYR A 40 -24.29 -29.94 -13.45
N THR A 41 -24.34 -28.62 -13.55
CA THR A 41 -23.14 -27.80 -13.65
C THR A 41 -23.35 -26.52 -12.84
N ILE A 42 -22.26 -26.00 -12.27
CA ILE A 42 -22.31 -24.94 -11.28
C ILE A 42 -21.53 -23.73 -11.77
N GLN A 43 -22.04 -22.54 -11.46
CA GLN A 43 -21.39 -21.27 -11.74
C GLN A 43 -21.39 -20.42 -10.48
N ALA A 44 -20.52 -19.41 -10.47
CA ALA A 44 -20.40 -18.51 -9.32
C ALA A 44 -20.02 -17.11 -9.79
N ARG A 45 -20.21 -16.14 -8.89
CA ARG A 45 -19.95 -14.75 -9.22
C ARG A 45 -19.44 -14.01 -7.98
N THR A 46 -18.41 -13.23 -8.16
CA THR A 46 -17.81 -12.38 -7.11
C THR A 46 -17.73 -10.96 -7.62
N PRO A 47 -17.45 -9.99 -6.74
CA PRO A 47 -17.16 -8.62 -7.21
C PRO A 47 -15.93 -8.54 -8.11
N PHE A 48 -15.12 -9.58 -8.18
CA PHE A 48 -13.89 -9.58 -8.96
C PHE A 48 -13.95 -10.46 -10.20
N SER A 49 -15.09 -11.07 -10.49
CA SER A 49 -15.25 -11.91 -11.66
C SER A 49 -16.03 -11.16 -12.74
N LEU A 50 -15.83 -11.59 -13.98
CA LEU A 50 -16.50 -10.99 -15.13
C LEU A 50 -17.92 -11.56 -15.23
N GLY A 51 -18.75 -11.15 -14.26
CA GLY A 51 -20.09 -11.70 -14.19
C GLY A 51 -20.06 -13.12 -13.67
N TRP A 52 -20.94 -13.96 -14.20
CA TRP A 52 -21.00 -15.35 -13.81
C TRP A 52 -19.92 -16.15 -14.54
N GLN A 53 -19.24 -17.03 -13.80
CA GLN A 53 -18.19 -17.86 -14.34
C GLN A 53 -18.35 -19.29 -13.82
N ALA A 54 -17.97 -20.25 -14.65
CA ALA A 54 -18.04 -21.65 -14.26
C ALA A 54 -16.98 -21.99 -13.22
N VAL A 55 -17.27 -23.01 -12.41
CA VAL A 55 -16.41 -23.40 -11.31
C VAL A 55 -16.06 -24.88 -11.44
N SER A 56 -14.93 -25.25 -10.83
CA SER A 56 -14.53 -26.65 -10.70
C SER A 56 -15.22 -27.27 -9.49
N THR A 57 -15.57 -28.55 -9.61
CA THR A 57 -16.35 -29.24 -8.60
C THR A 57 -15.71 -30.60 -8.27
N VAL A 58 -16.13 -31.15 -7.13
CA VAL A 58 -15.84 -32.53 -6.78
C VAL A 58 -17.18 -33.18 -6.44
N PRO A 59 -17.61 -34.22 -7.16
CA PRO A 59 -16.90 -34.85 -8.27
C PRO A 59 -16.75 -33.96 -9.51
N GLU A 60 -15.81 -34.29 -10.38
CA GLU A 60 -15.60 -33.50 -11.59
C GLU A 60 -16.87 -33.45 -12.45
N VAL A 61 -17.68 -34.50 -12.41
CA VAL A 61 -18.95 -34.56 -13.13
C VAL A 61 -20.06 -34.80 -12.13
N VAL A 62 -20.99 -33.85 -12.06
CA VAL A 62 -22.13 -33.93 -11.15
C VAL A 62 -23.30 -34.55 -11.92
N GLY A 63 -23.62 -35.82 -11.63
CA GLY A 63 -24.65 -36.52 -12.36
C GLY A 63 -26.06 -36.08 -12.02
N GLY A 64 -27.02 -36.57 -12.81
CA GLY A 64 -28.41 -36.23 -12.60
C GLY A 64 -28.98 -36.76 -11.30
N SER A 65 -28.35 -37.77 -10.71
CA SER A 65 -28.73 -38.28 -9.40
C SER A 65 -28.09 -37.51 -8.26
N HIS A 66 -27.22 -36.55 -8.55
CA HIS A 66 -26.52 -35.77 -7.54
C HIS A 66 -27.25 -34.47 -7.30
N LEU A 67 -27.78 -34.31 -6.09
CA LEU A 67 -28.37 -33.05 -5.66
C LEU A 67 -27.45 -32.26 -4.75
N THR A 68 -26.20 -32.69 -4.59
CA THR A 68 -25.22 -31.95 -3.82
C THR A 68 -23.86 -32.13 -4.46
N ALA A 69 -22.99 -31.14 -4.27
CA ALA A 69 -21.64 -31.20 -4.79
C ALA A 69 -20.79 -30.19 -4.04
N THR A 70 -19.47 -30.34 -4.15
CA THR A 70 -18.52 -29.45 -3.50
C THR A 70 -17.79 -28.63 -4.56
N VAL A 71 -17.96 -27.31 -4.50
CA VAL A 71 -17.18 -26.40 -5.34
C VAL A 71 -15.81 -26.21 -4.69
N ILE A 72 -14.77 -26.20 -5.50
CA ILE A 72 -13.39 -26.14 -5.01
C ILE A 72 -12.66 -24.98 -5.67
N GLU A 73 -11.44 -24.74 -5.17
CA GLU A 73 -10.52 -23.75 -5.75
C GLU A 73 -11.11 -22.34 -5.72
N LEU A 74 -11.67 -21.97 -4.57
CA LEU A 74 -12.20 -20.63 -4.36
C LEU A 74 -11.12 -19.73 -3.75
N ASN A 75 -11.42 -18.44 -3.69
CA ASN A 75 -10.47 -17.46 -3.17
C ASN A 75 -10.83 -17.11 -1.74
N PRO A 76 -9.92 -17.27 -0.78
CA PRO A 76 -10.24 -16.97 0.62
C PRO A 76 -10.68 -15.53 0.81
N TRP A 77 -11.59 -15.33 1.77
CA TRP A 77 -12.07 -14.01 2.15
C TRP A 77 -12.66 -13.26 0.95
N VAL A 78 -13.51 -13.94 0.20
CA VAL A 78 -14.20 -13.37 -0.96
C VAL A 78 -15.68 -13.74 -0.87
N GLU A 79 -16.54 -12.76 -1.15
CA GLU A 79 -17.98 -12.94 -1.06
C GLU A 79 -18.51 -13.58 -2.34
N TYR A 80 -19.10 -14.77 -2.21
CA TYR A 80 -19.53 -15.57 -3.35
C TYR A 80 -21.06 -15.68 -3.40
N GLU A 81 -21.55 -16.01 -4.59
CA GLU A 81 -22.92 -16.48 -4.76
C GLU A 81 -22.92 -17.48 -5.92
N PHE A 82 -23.77 -18.50 -5.80
CA PHE A 82 -23.71 -19.65 -6.68
C PHE A 82 -25.05 -19.87 -7.37
N ARG A 83 -25.00 -20.63 -8.47
CA ARG A 83 -26.20 -21.07 -9.16
C ARG A 83 -25.90 -22.38 -9.90
N VAL A 84 -26.94 -23.17 -10.12
CA VAL A 84 -26.82 -24.51 -10.68
C VAL A 84 -27.66 -24.60 -11.95
N LEU A 85 -27.14 -25.32 -12.94
CA LEU A 85 -27.82 -25.51 -14.23
C LEU A 85 -28.05 -26.99 -14.47
N ALA A 86 -29.25 -27.33 -14.94
CA ALA A 86 -29.58 -28.72 -15.26
C ALA A 86 -29.33 -28.98 -16.74
N SER A 87 -29.07 -30.25 -17.05
CA SER A 87 -28.66 -30.63 -18.40
C SER A 87 -29.10 -32.07 -18.64
N ASN A 88 -29.86 -32.28 -19.72
CA ASN A 88 -30.34 -33.60 -20.10
C ASN A 88 -29.75 -33.98 -21.46
N ALA A 89 -30.38 -34.94 -22.14
CA ALA A 89 -29.91 -35.37 -23.44
C ALA A 89 -30.22 -34.35 -24.52
N VAL A 90 -31.26 -33.55 -24.34
CA VAL A 90 -31.63 -32.56 -25.35
C VAL A 90 -30.67 -31.38 -25.31
N GLY A 91 -30.34 -30.89 -24.12
CA GLY A 91 -29.44 -29.76 -23.99
C GLY A 91 -29.42 -29.24 -22.57
N THR A 92 -28.63 -28.18 -22.38
CA THR A 92 -28.51 -27.54 -21.08
C THR A 92 -29.72 -26.65 -20.81
N GLY A 93 -30.09 -26.57 -19.53
CA GLY A 93 -31.30 -25.88 -19.12
C GLY A 93 -31.01 -24.50 -18.57
N GLU A 94 -32.06 -23.87 -18.05
CA GLU A 94 -31.95 -22.51 -17.55
C GLU A 94 -31.25 -22.53 -16.18
N PRO A 95 -30.42 -21.52 -15.88
CA PRO A 95 -29.75 -21.51 -14.57
C PRO A 95 -30.73 -21.31 -13.43
N SER A 96 -30.35 -21.82 -12.26
CA SER A 96 -31.12 -21.61 -11.06
C SER A 96 -31.01 -20.16 -10.58
N LYS A 97 -31.79 -19.83 -9.57
CA LYS A 97 -31.64 -18.54 -8.92
C LYS A 97 -30.37 -18.54 -8.06
N PRO A 98 -29.76 -17.37 -7.86
CA PRO A 98 -28.53 -17.31 -7.07
C PRO A 98 -28.76 -17.73 -5.63
N SER A 99 -27.73 -18.37 -5.05
CA SER A 99 -27.75 -18.64 -3.63
C SER A 99 -27.59 -17.35 -2.84
N LYS A 100 -27.80 -17.44 -1.54
CA LYS A 100 -27.49 -16.31 -0.67
C LYS A 100 -25.98 -16.10 -0.62
N LYS A 101 -25.58 -14.84 -0.49
CA LYS A 101 -24.16 -14.51 -0.51
C LYS A 101 -23.44 -15.13 0.69
N ALA A 102 -22.25 -15.66 0.45
CA ALA A 102 -21.46 -16.32 1.48
C ALA A 102 -19.99 -15.99 1.25
N ARG A 103 -19.34 -15.50 2.29
CA ARG A 103 -17.92 -15.14 2.23
C ARG A 103 -17.08 -16.34 2.67
N THR A 104 -16.07 -16.67 1.87
CA THR A 104 -15.18 -17.77 2.21
C THR A 104 -14.39 -17.44 3.47
N LYS A 105 -13.88 -18.50 4.12
CA LYS A 105 -13.07 -18.31 5.30
C LYS A 105 -11.72 -17.69 4.94
N ASP A 106 -11.06 -17.13 5.94
CA ASP A 106 -9.84 -16.37 5.73
C ASP A 106 -8.60 -17.24 5.92
N THR A 107 -7.46 -16.70 5.52
CA THR A 107 -6.17 -17.34 5.74
C THR A 107 -5.08 -16.26 5.68
N VAL A 108 -3.85 -16.67 5.90
CA VAL A 108 -2.71 -15.75 5.84
C VAL A 108 -2.59 -15.25 4.41
N PRO A 109 -2.09 -14.02 4.20
CA PRO A 109 -1.90 -13.54 2.84
C PRO A 109 -0.79 -14.31 2.14
N LYS A 110 -0.99 -14.58 0.85
CA LYS A 110 -0.05 -15.37 0.08
C LYS A 110 0.81 -14.52 -0.85
N VAL A 111 0.61 -13.20 -0.86
CA VAL A 111 1.33 -12.32 -1.77
C VAL A 111 2.10 -11.29 -0.97
N THR A 112 3.09 -10.72 -1.61
CA THR A 112 3.86 -9.60 -1.08
C THR A 112 3.39 -8.31 -1.73
N PRO A 113 3.60 -7.17 -1.07
CA PRO A 113 3.24 -5.90 -1.70
C PRO A 113 4.06 -5.68 -2.97
N ALA A 114 3.36 -5.30 -4.04
CA ALA A 114 4.01 -5.11 -5.33
C ALA A 114 4.74 -3.77 -5.36
N ASN A 115 5.78 -3.72 -6.19
CA ASN A 115 6.50 -2.47 -6.50
C ASN A 115 7.03 -1.78 -5.23
N VAL A 116 7.66 -2.56 -4.36
CA VAL A 116 8.35 -1.97 -3.23
C VAL A 116 9.46 -1.07 -3.76
N SER A 117 9.46 0.18 -3.30
CA SER A 117 10.45 1.17 -3.71
C SER A 117 10.44 2.29 -2.69
N GLY A 118 11.07 3.41 -3.03
CA GLY A 118 11.10 4.54 -2.11
C GLY A 118 12.18 5.53 -2.52
N GLY A 119 12.56 6.35 -1.56
CA GLY A 119 13.50 7.42 -1.75
C GLY A 119 12.83 8.79 -1.63
N GLY A 120 13.67 9.81 -1.45
CA GLY A 120 13.18 11.16 -1.30
C GLY A 120 12.93 11.54 0.14
N GLY A 121 12.29 12.70 0.29
CA GLY A 121 12.00 13.25 1.60
C GLY A 121 12.99 14.33 1.99
N SER A 122 12.76 14.88 3.19
CA SER A 122 13.65 15.88 3.75
C SER A 122 14.80 15.19 4.47
N ARG A 123 15.87 15.96 4.72
CA ARG A 123 17.04 15.39 5.38
C ARG A 123 16.63 14.76 6.70
N SER A 124 17.35 13.69 7.07
CA SER A 124 17.09 12.87 8.24
C SER A 124 15.87 11.96 8.08
N GLU A 125 15.42 11.74 6.85
CA GLU A 125 14.27 10.88 6.59
C GLU A 125 14.63 9.74 5.64
N LEU A 126 13.91 8.62 5.81
CA LEU A 126 13.97 7.47 4.93
C LEU A 126 12.54 7.13 4.53
N VAL A 127 12.28 7.12 3.22
CA VAL A 127 10.92 6.95 2.70
C VAL A 127 10.82 5.57 2.05
N ILE A 128 9.85 4.78 2.49
CA ILE A 128 9.60 3.44 1.97
C ILE A 128 8.17 3.38 1.46
N THR A 129 8.00 2.95 0.20
CA THR A 129 6.69 2.89 -0.42
C THR A 129 6.46 1.51 -1.03
N TRP A 130 5.21 1.24 -1.36
CA TRP A 130 4.81 -0.03 -1.97
C TRP A 130 3.40 0.12 -2.52
N GLU A 131 3.06 -0.73 -3.48
CA GLU A 131 1.71 -0.78 -4.00
C GLU A 131 0.83 -1.57 -3.04
N PRO A 132 -0.27 -1.01 -2.55
CA PRO A 132 -1.10 -1.73 -1.58
C PRO A 132 -1.74 -2.96 -2.21
N VAL A 133 -1.92 -3.99 -1.39
CA VAL A 133 -2.47 -5.26 -1.87
C VAL A 133 -3.96 -5.09 -2.16
N PRO A 134 -4.44 -5.46 -3.35
CA PRO A 134 -5.87 -5.35 -3.63
C PRO A 134 -6.68 -6.30 -2.74
N GLU A 135 -7.97 -6.00 -2.64
CA GLU A 135 -8.81 -6.66 -1.64
C GLU A 135 -8.87 -8.18 -1.85
N GLU A 136 -8.96 -8.62 -3.10
CA GLU A 136 -9.14 -10.04 -3.38
C GLU A 136 -7.90 -10.88 -3.06
N LEU A 137 -6.78 -10.26 -2.70
CA LEU A 137 -5.58 -10.99 -2.34
C LEU A 137 -5.22 -10.84 -0.86
N GLN A 138 -5.96 -10.03 -0.11
CA GLN A 138 -5.64 -9.81 1.29
C GLN A 138 -5.92 -11.04 2.15
N ASN A 139 -6.95 -11.82 1.80
CA ASN A 139 -7.28 -13.09 2.42
C ASN A 139 -7.72 -12.97 3.87
N GLY A 140 -8.14 -11.79 4.32
CA GLY A 140 -8.67 -11.71 5.66
C GLY A 140 -8.84 -10.30 6.22
N ALA A 141 -9.62 -10.19 7.30
CA ALA A 141 -9.81 -8.91 7.95
C ALA A 141 -8.56 -8.53 8.75
N GLY A 142 -8.53 -7.27 9.18
CA GLY A 142 -7.37 -6.76 9.89
C GLY A 142 -6.11 -6.76 9.06
N PHE A 143 -6.23 -6.55 7.75
CA PHE A 143 -5.07 -6.61 6.87
C PHE A 143 -4.17 -5.41 7.10
N GLY A 144 -2.87 -5.67 7.27
CA GLY A 144 -1.89 -4.62 7.44
C GLY A 144 -0.56 -4.99 6.81
N TYR A 145 0.49 -4.24 7.12
CA TYR A 145 1.81 -4.45 6.54
C TYR A 145 2.88 -4.40 7.62
N VAL A 146 3.99 -5.06 7.34
CA VAL A 146 5.19 -5.01 8.17
C VAL A 146 6.34 -4.53 7.31
N VAL A 147 7.01 -3.47 7.74
CA VAL A 147 8.11 -2.86 7.00
C VAL A 147 9.41 -3.11 7.74
N ALA A 148 10.42 -3.59 7.03
CA ALA A 148 11.75 -3.81 7.58
C ALA A 148 12.77 -2.99 6.82
N PHE A 149 13.72 -2.40 7.54
CA PHE A 149 14.77 -1.60 6.90
C PHE A 149 15.98 -1.53 7.81
N ARG A 150 17.13 -1.25 7.20
CA ARG A 150 18.41 -1.14 7.90
C ARG A 150 19.44 -0.49 6.98
N PRO A 151 20.46 0.16 7.52
CA PRO A 151 21.57 0.62 6.67
C PRO A 151 22.22 -0.58 5.99
N PHE A 152 22.55 -0.41 4.71
CA PHE A 152 23.07 -1.51 3.91
C PHE A 152 24.30 -2.13 4.57
N GLY A 153 24.24 -3.43 4.83
CA GLY A 153 25.34 -4.14 5.43
C GLY A 153 25.24 -4.33 6.93
N SER A 154 24.19 -3.81 7.56
CA SER A 154 24.00 -3.97 9.00
C SER A 154 23.66 -5.42 9.34
N THR A 155 23.65 -5.71 10.65
CA THR A 155 23.33 -7.04 11.15
C THR A 155 21.83 -7.24 11.30
N GLY A 156 21.21 -6.51 12.22
CA GLY A 156 19.79 -6.65 12.50
C GLY A 156 18.93 -5.76 11.63
N TRP A 157 17.64 -5.73 11.96
CA TRP A 157 16.66 -4.97 11.20
C TRP A 157 15.90 -4.02 12.12
N MET A 158 15.42 -2.93 11.52
CA MET A 158 14.37 -2.10 12.11
C MET A 158 13.06 -2.51 11.48
N GLN A 159 12.03 -2.72 12.30
CA GLN A 159 10.75 -3.19 11.81
C GLN A 159 9.62 -2.43 12.47
N ALA A 160 8.52 -2.27 11.74
CA ALA A 160 7.36 -1.55 12.24
C ALA A 160 6.10 -2.13 11.61
N ALA A 161 5.04 -2.23 12.41
CA ALA A 161 3.75 -2.71 11.93
C ALA A 161 2.91 -1.52 11.44
N VAL A 162 2.47 -1.59 10.19
CA VAL A 162 1.65 -0.52 9.63
C VAL A 162 0.25 -1.07 9.40
N PRO A 163 -0.71 -0.82 10.30
CA PRO A 163 -1.94 -1.61 10.30
C PRO A 163 -2.95 -1.26 9.23
N SER A 164 -2.85 -0.12 8.56
CA SER A 164 -3.85 0.25 7.57
C SER A 164 -3.74 -0.66 6.35
N PRO A 165 -4.85 -1.23 5.88
CA PRO A 165 -4.78 -2.06 4.67
C PRO A 165 -4.48 -1.26 3.41
N GLU A 166 -4.70 0.05 3.44
CA GLU A 166 -4.43 0.92 2.31
C GLU A 166 -3.12 1.71 2.48
N ALA A 167 -2.32 1.35 3.48
CA ALA A 167 -1.03 2.01 3.69
C ALA A 167 -0.09 1.72 2.52
N SER A 168 0.47 2.78 1.94
CA SER A 168 1.40 2.63 0.83
C SER A 168 2.71 3.38 1.06
N LYS A 169 2.99 3.83 2.28
CA LYS A 169 4.16 4.63 2.56
C LYS A 169 4.43 4.64 4.05
N TYR A 170 5.69 4.40 4.42
CA TYR A 170 6.17 4.53 5.79
C TYR A 170 7.39 5.43 5.79
N VAL A 171 7.40 6.44 6.66
CA VAL A 171 8.47 7.41 6.72
C VAL A 171 9.14 7.32 8.09
N PHE A 172 10.43 7.00 8.08
CA PHE A 172 11.24 6.93 9.30
C PHE A 172 12.16 8.13 9.36
N LYS A 173 12.11 8.87 10.47
CA LYS A 173 12.94 10.04 10.67
C LYS A 173 13.74 9.88 11.96
N ASN A 174 15.04 10.12 11.88
CA ASN A 174 15.93 9.94 13.03
C ASN A 174 17.21 10.71 12.80
N GLU A 175 17.85 11.13 13.89
CA GLU A 175 19.09 11.90 13.77
C GLU A 175 20.24 11.06 13.26
N THR A 176 20.13 9.72 13.32
CA THR A 176 21.17 8.82 12.84
C THR A 176 21.11 8.60 11.34
N ILE A 177 20.04 9.01 10.66
CA ILE A 177 19.92 8.83 9.22
C ILE A 177 20.91 9.74 8.51
N LEU A 178 21.86 9.13 7.81
CA LEU A 178 22.83 9.89 7.03
C LEU A 178 22.25 10.22 5.67
N PRO A 179 22.60 11.38 5.11
CA PRO A 179 21.97 11.83 3.85
C PRO A 179 22.37 10.96 2.66
N PHE A 180 21.36 10.62 1.84
CA PHE A 180 21.58 9.87 0.60
C PHE A 180 22.40 8.61 0.85
N SER A 181 22.02 7.88 1.89
CA SER A 181 22.72 6.66 2.25
C SER A 181 21.86 5.44 1.90
N PRO A 182 22.49 4.32 1.54
CA PRO A 182 21.72 3.16 1.09
C PRO A 182 21.16 2.35 2.25
N PHE A 183 19.90 1.91 2.07
CA PHE A 183 19.19 1.10 3.05
C PHE A 183 18.65 -0.15 2.38
N GLN A 184 18.74 -1.29 3.05
CA GLN A 184 18.08 -2.51 2.62
C GLN A 184 16.66 -2.52 3.18
N VAL A 185 15.69 -2.81 2.31
CA VAL A 185 14.27 -2.67 2.64
C VAL A 185 13.52 -3.89 2.13
N LYS A 186 12.60 -4.39 2.94
CA LYS A 186 11.67 -5.44 2.52
C LYS A 186 10.36 -5.24 3.26
N VAL A 187 9.25 -5.49 2.57
CA VAL A 187 7.91 -5.23 3.08
C VAL A 187 7.10 -6.52 3.01
N GLY A 188 6.41 -6.84 4.11
CA GLY A 188 5.50 -7.96 4.15
C GLY A 188 4.06 -7.54 4.34
N ALA A 189 3.20 -8.55 4.51
CA ALA A 189 1.79 -8.32 4.75
C ALA A 189 1.32 -9.25 5.87
N TYR A 190 0.16 -8.92 6.44
CA TYR A 190 -0.44 -9.74 7.48
C TYR A 190 -1.92 -9.44 7.58
N ASN A 191 -2.67 -10.41 8.12
CA ASN A 191 -4.07 -10.21 8.47
C ASN A 191 -4.32 -10.90 9.81
N ASN A 192 -5.60 -11.07 10.15
CA ASN A 192 -5.95 -11.62 11.46
C ASN A 192 -5.45 -13.05 11.62
N LYS A 193 -5.28 -13.79 10.53
CA LYS A 193 -4.87 -15.18 10.62
C LYS A 193 -3.36 -15.37 10.72
N GLY A 194 -2.58 -14.36 10.40
CA GLY A 194 -1.13 -14.46 10.51
C GLY A 194 -0.45 -13.56 9.51
N GLU A 195 0.83 -13.83 9.30
CA GLU A 195 1.69 -13.01 8.45
C GLU A 195 1.98 -13.74 7.15
N GLY A 196 2.04 -12.97 6.06
CA GLY A 196 2.45 -13.50 4.78
C GLY A 196 3.95 -13.39 4.60
N PRO A 197 4.42 -13.64 3.38
CA PRO A 197 5.86 -13.57 3.11
C PRO A 197 6.33 -12.14 2.85
N PHE A 198 7.61 -11.93 3.12
CA PHE A 198 8.27 -10.67 2.75
C PHE A 198 8.67 -10.70 1.28
N GLY A 199 8.72 -9.52 0.67
CA GLY A 199 9.26 -9.40 -0.66
C GLY A 199 10.77 -9.53 -0.64
N PRO A 200 11.39 -9.51 -1.82
CA PRO A 200 12.86 -9.59 -1.86
C PRO A 200 13.50 -8.29 -1.42
N VAL A 201 14.71 -8.41 -0.88
CA VAL A 201 15.40 -7.24 -0.34
C VAL A 201 15.86 -6.33 -1.47
N ILE A 202 15.44 -5.07 -1.39
CA ILE A 202 15.82 -4.04 -2.40
C ILE A 202 16.62 -2.97 -1.67
N THR A 203 17.40 -2.17 -2.41
CA THR A 203 18.17 -1.06 -1.80
C THR A 203 17.51 0.28 -2.13
N ILE A 204 17.11 1.02 -1.10
CA ILE A 204 16.52 2.38 -1.28
C ILE A 204 17.50 3.33 -0.63
N TYR A 205 17.67 4.53 -1.18
CA TYR A 205 18.61 5.52 -0.62
C TYR A 205 17.83 6.46 0.30
N SER A 206 18.47 6.99 1.33
CA SER A 206 17.80 7.93 2.26
C SER A 206 17.58 9.28 1.57
N ALA A 207 16.98 10.23 2.27
CA ALA A 207 16.81 11.54 1.67
C ALA A 207 18.16 12.26 1.63
N GLU A 208 18.33 13.11 0.61
CA GLU A 208 19.53 13.90 0.46
C GLU A 208 19.40 15.22 1.25
N GLU A 209 20.39 16.08 1.09
CA GLU A 209 20.40 17.39 1.72
C GLU A 209 20.12 18.47 0.69
N GLU A 210 19.35 19.48 1.09
CA GLU A 210 19.05 20.60 0.20
C GLU A 210 20.35 21.32 -0.16
N PRO A 211 20.37 22.02 -1.29
CA PRO A 211 21.60 22.72 -1.69
C PRO A 211 22.07 23.70 -0.61
N GLY A 212 23.39 23.67 -0.35
CA GLY A 212 23.93 24.48 0.73
C GLY A 212 24.20 25.92 0.36
N ARG A 213 24.41 26.21 -0.92
CA ARG A 213 24.79 27.54 -1.36
C ARG A 213 23.76 28.09 -2.35
N ALA A 214 23.85 29.36 -2.56
CA ALA A 214 23.01 30.10 -3.49
C ALA A 214 23.74 30.27 -4.83
N PRO A 215 23.00 30.31 -5.94
CA PRO A 215 23.60 30.75 -7.20
C PRO A 215 24.00 32.21 -7.09
N SER A 216 24.90 32.63 -7.99
CA SER A 216 25.46 33.97 -7.94
C SER A 216 25.40 34.62 -9.30
N ARG A 217 25.78 35.90 -9.33
CA ARG A 217 25.83 36.70 -10.56
C ARG A 217 24.49 36.67 -11.28
N LEU A 218 23.43 37.01 -10.55
CA LEU A 218 22.09 37.01 -11.13
C LEU A 218 21.89 38.28 -11.94
N ARG A 219 21.54 38.12 -13.21
CA ARG A 219 21.31 39.24 -14.10
C ARG A 219 20.07 38.95 -14.92
N ALA A 220 19.47 40.01 -15.46
CA ALA A 220 18.24 39.88 -16.24
C ALA A 220 18.22 40.92 -17.35
N LYS A 221 17.53 40.60 -18.45
CA LYS A 221 17.29 41.53 -19.54
C LYS A 221 15.95 41.19 -20.17
N SER A 222 15.17 42.22 -20.52
CA SER A 222 13.85 42.02 -21.11
C SER A 222 13.97 41.62 -22.58
N LEU A 223 13.05 40.78 -23.02
CA LEU A 223 12.91 40.44 -24.43
C LEU A 223 11.76 41.17 -25.09
N SER A 224 10.65 41.35 -24.39
CA SER A 224 9.49 42.07 -24.91
C SER A 224 8.80 42.76 -23.74
N ALA A 225 7.57 43.22 -23.98
CA ALA A 225 6.80 43.86 -22.93
C ALA A 225 6.35 42.89 -21.84
N SER A 226 6.34 41.59 -22.14
CA SER A 226 5.90 40.59 -21.18
C SER A 226 6.91 39.48 -20.91
N ASP A 227 7.97 39.37 -21.70
CA ASP A 227 8.94 38.28 -21.59
C ASP A 227 10.30 38.83 -21.20
N VAL A 228 11.00 38.09 -20.33
CA VAL A 228 12.30 38.49 -19.83
C VAL A 228 13.19 37.26 -19.74
N GLU A 229 14.48 37.43 -20.03
CA GLU A 229 15.45 36.35 -19.96
C GLU A 229 16.31 36.52 -18.72
N VAL A 230 16.45 35.43 -17.96
CA VAL A 230 17.16 35.45 -16.68
C VAL A 230 18.30 34.44 -16.74
N SER A 231 19.46 34.83 -16.21
CA SER A 231 20.64 33.98 -16.20
C SER A 231 21.39 34.21 -14.89
N TRP A 232 22.18 33.20 -14.50
CA TRP A 232 22.91 33.25 -13.24
C TRP A 232 24.20 32.44 -13.39
N LYS A 233 24.84 32.13 -12.27
CA LYS A 233 26.05 31.33 -12.23
C LYS A 233 25.82 30.11 -11.33
N ALA A 234 26.46 29.00 -11.67
CA ALA A 234 26.28 27.76 -10.93
C ALA A 234 27.05 27.82 -9.62
N LEU A 235 26.77 26.84 -8.75
CA LEU A 235 27.39 26.76 -7.41
C LEU A 235 28.92 26.74 -7.47
N LYS A 242 26.41 17.49 -1.75
CA LYS A 242 25.14 18.05 -2.20
C LYS A 242 25.12 18.26 -3.71
N ARG A 243 24.01 17.84 -4.34
CA ARG A 243 23.82 17.99 -5.77
C ARG A 243 22.63 18.88 -6.06
N VAL A 244 22.54 19.32 -7.30
CA VAL A 244 21.50 20.23 -7.78
C VAL A 244 20.81 19.60 -8.98
N LEU A 245 19.48 19.65 -8.97
CA LEU A 245 18.65 19.12 -10.04
C LEU A 245 17.98 20.21 -10.87
N GLY A 246 18.23 21.48 -10.56
CA GLY A 246 17.53 22.56 -11.23
C GLY A 246 17.52 23.79 -10.34
N TYR A 247 16.91 24.84 -10.88
CA TYR A 247 16.86 26.13 -10.19
C TYR A 247 15.43 26.62 -10.16
N GLU A 248 15.10 27.35 -9.09
CA GLU A 248 13.76 27.87 -8.87
C GLU A 248 13.79 29.39 -8.94
N LEU A 249 13.10 29.96 -9.92
CA LEU A 249 12.89 31.40 -9.97
C LEU A 249 11.76 31.78 -9.03
N ARG A 250 11.87 32.98 -8.47
CA ARG A 250 10.85 33.52 -7.57
C ARG A 250 10.80 35.03 -7.80
N TYR A 251 9.67 35.52 -8.32
CA TYR A 251 9.61 36.89 -8.79
C TYR A 251 8.31 37.56 -8.36
N TRP A 252 8.38 38.89 -8.25
CA TRP A 252 7.28 39.74 -7.82
C TRP A 252 7.56 41.14 -8.33
N GLU A 253 6.51 41.93 -8.49
CA GLU A 253 6.70 43.28 -9.00
C GLU A 253 7.06 44.23 -7.86
N LYS A 254 7.43 45.46 -8.24
CA LYS A 254 8.01 46.42 -7.30
C LYS A 254 7.08 46.69 -6.12
N ASN A 255 5.77 46.69 -6.35
CA ASN A 255 4.80 47.04 -5.32
C ASN A 255 4.31 45.83 -4.53
N GLU A 256 4.98 44.69 -4.65
CA GLU A 256 4.62 43.47 -3.92
C GLU A 256 5.71 43.11 -2.93
N LYS A 257 5.53 41.96 -2.28
CA LYS A 257 6.50 41.43 -1.33
C LYS A 257 7.04 40.09 -1.85
N GLU A 258 8.20 39.71 -1.33
CA GLU A 258 8.87 38.51 -1.82
C GLU A 258 8.06 37.25 -1.48
N ASP A 259 7.41 37.23 -0.33
CA ASP A 259 6.73 36.02 0.11
C ASP A 259 5.47 35.75 -0.71
N ALA A 260 4.75 36.80 -1.10
CA ALA A 260 3.57 36.66 -1.96
C ALA A 260 3.98 36.82 -3.42
N SER A 261 4.69 35.81 -3.92
CA SER A 261 5.30 35.85 -5.24
C SER A 261 4.94 34.60 -6.04
N SER A 262 5.37 34.61 -7.29
CA SER A 262 5.24 33.49 -8.19
C SER A 262 6.55 32.72 -8.27
N VAL A 263 6.45 31.44 -8.63
CA VAL A 263 7.60 30.56 -8.70
C VAL A 263 7.65 29.89 -10.07
N LEU A 264 8.87 29.57 -10.49
CA LEU A 264 9.12 28.87 -11.74
C LEU A 264 10.35 27.99 -11.56
N ARG A 265 10.28 26.74 -12.01
CA ARG A 265 11.34 25.77 -11.78
C ARG A 265 11.90 25.29 -13.10
N THR A 266 13.24 25.25 -13.20
CA THR A 266 13.93 24.64 -14.31
C THR A 266 14.50 23.28 -13.88
N VAL A 267 14.79 22.45 -14.87
CA VAL A 267 15.35 21.12 -14.64
C VAL A 267 16.69 21.03 -15.33
N GLY A 268 17.70 20.56 -14.60
CA GLY A 268 19.04 20.41 -15.13
C GLY A 268 19.93 21.59 -14.79
N ASN A 269 21.04 21.68 -15.53
CA ASN A 269 22.03 22.74 -15.37
C ASN A 269 21.87 23.82 -16.44
N ARG A 270 20.63 24.18 -16.77
CA ARG A 270 20.38 25.05 -17.92
C ARG A 270 20.95 26.46 -17.70
N THR A 271 20.85 26.97 -16.46
CA THR A 271 21.44 28.24 -16.05
C THR A 271 20.70 29.44 -16.65
N LEU A 272 19.75 29.21 -17.54
CA LEU A 272 18.95 30.29 -18.11
C LEU A 272 17.47 29.91 -18.08
N ALA A 273 16.63 30.93 -18.10
CA ALA A 273 15.18 30.74 -18.07
C ALA A 273 14.49 32.02 -18.56
N ILE A 274 13.24 31.86 -18.98
CA ILE A 274 12.44 32.94 -19.51
C ILE A 274 11.13 33.01 -18.73
N ILE A 275 10.74 34.23 -18.33
CA ILE A 275 9.51 34.47 -17.59
C ILE A 275 8.51 35.16 -18.52
N GLN A 276 7.31 34.60 -18.62
CA GLN A 276 6.24 35.17 -19.41
C GLN A 276 5.17 35.77 -18.51
N GLY A 277 4.18 36.39 -19.15
CA GLY A 277 3.03 36.90 -18.43
C GLY A 277 3.25 38.18 -17.65
N LEU A 278 4.31 38.91 -17.92
CA LEU A 278 4.59 40.16 -17.22
C LEU A 278 3.87 41.33 -17.89
N LYS A 279 3.80 42.44 -17.15
CA LYS A 279 3.17 43.65 -17.64
C LYS A 279 4.22 44.61 -18.19
N GLY A 280 3.85 45.35 -19.24
CA GLY A 280 4.77 46.27 -19.86
C GLY A 280 5.02 47.51 -19.03
N SER A 281 6.21 48.09 -19.23
CA SER A 281 6.62 49.33 -18.57
C SER A 281 6.51 49.22 -17.05
N SER A 282 6.96 48.09 -16.50
CA SER A 282 6.86 47.83 -15.08
C SER A 282 8.17 47.25 -14.58
N THR A 283 8.41 47.41 -13.28
CA THR A 283 9.63 46.95 -12.64
C THR A 283 9.33 45.71 -11.79
N TYR A 284 10.16 44.68 -11.93
CA TYR A 284 9.99 43.42 -11.21
C TYR A 284 11.27 43.08 -10.47
N TYR A 285 11.12 42.23 -9.44
CA TYR A 285 12.25 41.70 -8.68
C TYR A 285 12.31 40.19 -8.87
N ILE A 286 13.52 39.67 -9.07
CA ILE A 286 13.72 38.27 -9.46
C ILE A 286 14.75 37.64 -8.53
N THR A 287 14.46 36.41 -8.09
CA THR A 287 15.34 35.65 -7.22
C THR A 287 15.55 34.26 -7.81
N VAL A 288 16.80 33.79 -7.80
CA VAL A 288 17.15 32.47 -8.30
C VAL A 288 17.66 31.63 -7.13
N ARG A 289 17.18 30.39 -7.07
CA ARG A 289 17.44 29.53 -5.93
C ARG A 289 17.61 28.10 -6.43
N ALA A 290 18.63 27.41 -5.94
CA ALA A 290 18.86 26.02 -6.32
C ALA A 290 17.95 25.10 -5.52
N TYR A 291 17.76 23.89 -6.05
CA TYR A 291 16.91 22.92 -5.38
C TYR A 291 17.28 21.51 -5.79
N ASN A 292 16.98 20.56 -4.91
CA ASN A 292 16.98 19.15 -5.26
C ASN A 292 15.73 18.54 -4.64
N THR A 293 15.76 17.22 -4.38
CA THR A 293 14.57 16.58 -3.85
C THR A 293 14.33 16.90 -2.38
N ALA A 294 15.32 17.45 -1.68
CA ALA A 294 15.20 17.75 -0.27
C ALA A 294 14.69 19.16 0.00
N GLY A 295 14.55 19.97 -1.05
CA GLY A 295 14.06 21.33 -0.96
C GLY A 295 15.03 22.30 -1.60
N THR A 296 14.88 23.56 -1.26
CA THR A 296 15.67 24.63 -1.85
C THR A 296 16.80 25.05 -0.93
N GLY A 297 17.79 25.74 -1.52
CA GLY A 297 18.89 26.28 -0.77
C GLY A 297 18.67 27.76 -0.49
N PRO A 298 19.73 28.46 -0.10
CA PRO A 298 19.60 29.90 0.11
C PRO A 298 19.49 30.62 -1.22
N PRO A 299 18.86 31.79 -1.25
CA PRO A 299 18.62 32.48 -2.51
C PRO A 299 19.75 33.42 -2.90
N SER A 300 19.78 33.76 -4.18
CA SER A 300 20.73 34.74 -4.70
C SER A 300 20.25 36.15 -4.39
N PRO A 301 21.17 37.13 -4.37
CA PRO A 301 20.74 38.52 -4.27
C PRO A 301 19.83 38.91 -5.42
N VAL A 302 18.83 39.74 -5.11
CA VAL A 302 17.76 40.03 -6.06
C VAL A 302 18.26 40.96 -7.17
N VAL A 303 17.66 40.83 -8.35
CA VAL A 303 17.88 41.72 -9.49
C VAL A 303 16.56 42.35 -9.87
N ASN A 304 16.61 43.58 -10.37
CA ASN A 304 15.42 44.30 -10.83
C ASN A 304 15.56 44.64 -12.30
N ILE A 305 14.48 44.40 -13.05
CA ILE A 305 14.42 44.63 -14.48
C ILE A 305 13.11 45.34 -14.80
N THR A 306 13.10 46.06 -15.91
CA THR A 306 11.91 46.73 -16.40
C THR A 306 11.55 46.22 -17.78
N THR A 307 10.26 46.32 -18.12
CA THR A 307 9.76 45.86 -19.40
C THR A 307 9.57 47.02 -20.38
N PHE B 109 -0.77 9.36 13.81
CA PHE B 109 -0.03 8.31 14.50
C PHE B 109 0.86 7.52 13.55
N VAL B 110 2.11 7.30 13.98
CA VAL B 110 3.08 6.52 13.23
C VAL B 110 3.70 5.50 14.18
N SER B 111 3.74 4.24 13.78
CA SER B 111 4.23 3.18 14.64
C SER B 111 5.75 3.30 14.82
N ASP B 112 6.20 3.01 16.04
CA ASP B 112 7.62 3.03 16.33
C ASP B 112 8.34 1.93 15.56
N ALA B 113 9.52 2.26 15.04
CA ALA B 113 10.40 1.26 14.47
C ALA B 113 11.19 0.59 15.59
N LEU B 114 11.02 -0.71 15.74
CA LEU B 114 11.70 -1.49 16.77
C LEU B 114 12.93 -2.17 16.19
N LEU B 115 13.98 -2.27 17.02
CA LEU B 115 15.22 -2.92 16.61
C LEU B 115 15.11 -4.42 16.86
N VAL B 116 15.42 -5.21 15.85
CA VAL B 116 15.37 -6.66 15.92
C VAL B 116 16.76 -7.23 15.63
N PRO B 117 17.53 -7.55 16.67
CA PRO B 117 18.83 -8.21 16.44
C PRO B 117 18.69 -9.62 15.89
N ASP B 118 19.81 -10.29 15.65
CA ASP B 118 19.77 -11.64 15.11
C ASP B 118 19.13 -12.61 16.10
N LYS B 119 18.38 -13.56 15.56
CA LYS B 119 17.68 -14.60 16.32
C LYS B 119 16.59 -14.05 17.23
N CYS B 120 16.33 -12.75 17.19
CA CYS B 120 15.17 -12.16 17.83
C CYS B 120 13.98 -12.21 16.89
N LYS B 121 12.78 -12.07 17.45
CA LYS B 121 11.56 -12.16 16.68
C LYS B 121 10.74 -10.89 16.85
N PHE B 122 10.18 -10.41 15.73
CA PHE B 122 9.26 -9.28 15.74
C PHE B 122 7.84 -9.82 15.79
N LEU B 123 7.06 -9.38 16.76
CA LEU B 123 5.69 -9.83 16.94
C LEU B 123 4.77 -8.64 17.09
N HIS B 124 3.50 -8.86 16.77
CA HIS B 124 2.50 -7.81 16.89
C HIS B 124 1.13 -8.44 17.02
N GLN B 125 0.20 -7.65 17.54
CA GLN B 125 -1.14 -8.14 17.85
C GLN B 125 -2.08 -6.94 17.87
N GLU B 126 -3.31 -7.15 17.38
CA GLU B 126 -4.28 -6.07 17.36
C GLU B 126 -5.68 -6.65 17.23
N ARG B 127 -6.67 -5.86 17.66
CA ARG B 127 -8.07 -6.22 17.55
C ARG B 127 -8.88 -4.95 17.50
N MET B 128 -9.61 -4.74 16.40
CA MET B 128 -10.39 -3.52 16.21
C MET B 128 -11.56 -3.41 17.18
N ASP B 129 -11.87 -4.47 17.93
CA ASP B 129 -12.92 -4.41 18.93
C ASP B 129 -12.41 -3.89 20.27
N MET B 130 -11.12 -4.07 20.54
CA MET B 130 -10.55 -3.73 21.84
C MET B 130 -10.05 -2.28 21.87
N CYS B 131 -9.92 -1.77 23.09
CA CYS B 131 -9.35 -0.44 23.33
C CYS B 131 -8.77 -0.47 24.75
N GLU B 132 -7.51 -0.89 24.85
CA GLU B 132 -6.87 -1.21 26.11
C GLU B 132 -5.76 -0.21 26.42
N SER B 133 -5.35 -0.20 27.68
CA SER B 133 -4.35 0.74 28.17
C SER B 133 -2.94 0.33 27.76
N HIS B 134 -1.99 1.24 27.99
CA HIS B 134 -0.59 0.93 27.74
C HIS B 134 -0.11 -0.22 28.61
N LEU B 135 -0.47 -0.18 29.91
CA LEU B 135 0.00 -1.22 30.84
C LEU B 135 -0.52 -2.60 30.42
N HIS B 136 -1.74 -2.67 29.90
CA HIS B 136 -2.26 -3.95 29.43
C HIS B 136 -1.45 -4.47 28.26
N TRP B 137 -1.16 -3.60 27.28
CA TRP B 137 -0.42 -4.04 26.11
C TRP B 137 1.00 -4.43 26.45
N HIS B 138 1.57 -3.84 27.51
CA HIS B 138 2.89 -4.27 27.96
C HIS B 138 2.84 -5.72 28.46
N THR B 139 1.88 -6.02 29.34
CA THR B 139 1.79 -7.37 29.88
C THR B 139 1.52 -8.40 28.79
N VAL B 140 0.82 -8.01 27.74
CA VAL B 140 0.65 -8.89 26.58
C VAL B 140 2.00 -9.22 25.97
N ALA B 141 2.86 -8.21 25.81
CA ALA B 141 4.17 -8.44 25.22
C ALA B 141 5.07 -9.25 26.15
N LYS B 142 5.10 -8.91 27.44
CA LYS B 142 6.00 -9.58 28.37
C LYS B 142 5.64 -11.06 28.49
N GLU B 143 4.35 -11.39 28.46
CA GLU B 143 3.94 -12.78 28.58
C GLU B 143 4.22 -13.56 27.29
N SER B 144 4.00 -12.94 26.14
CA SER B 144 4.23 -13.62 24.87
C SER B 144 5.70 -13.97 24.68
N CYS B 145 6.60 -13.08 25.08
CA CYS B 145 8.01 -13.44 25.08
C CYS B 145 8.31 -14.49 26.15
N GLY B 146 7.58 -14.45 27.27
CA GLY B 146 7.84 -15.38 28.35
C GLY B 146 7.54 -16.82 27.99
N ASP B 147 6.35 -17.08 27.44
CA ASP B 147 6.03 -18.46 27.09
C ASP B 147 6.75 -18.94 25.82
N ARG B 148 7.63 -18.10 25.28
CA ARG B 148 8.58 -18.49 24.23
C ARG B 148 9.99 -18.61 24.77
N SER B 149 10.18 -18.50 26.09
CA SER B 149 11.49 -18.54 26.73
C SER B 149 12.38 -17.41 26.22
N MET B 150 11.81 -16.22 26.09
CA MET B 150 12.53 -15.05 25.60
C MET B 150 12.19 -13.84 26.45
N ASN B 151 13.08 -12.86 26.43
CA ASN B 151 12.93 -11.61 27.17
C ASN B 151 12.36 -10.52 26.26
N LEU B 152 11.74 -9.53 26.90
CA LEU B 152 11.18 -8.38 26.19
C LEU B 152 12.22 -7.27 26.13
N HIS B 153 12.64 -6.89 24.93
CA HIS B 153 13.68 -5.89 24.76
C HIS B 153 13.22 -4.59 24.13
N ASP B 154 12.05 -4.58 23.49
CA ASP B 154 11.59 -3.37 22.82
C ASP B 154 10.12 -3.55 22.48
N TYR B 155 9.33 -2.51 22.69
CA TYR B 155 7.91 -2.59 22.37
C TYR B 155 7.35 -1.19 22.17
N GLY B 156 6.16 -1.13 21.57
CA GLY B 156 5.47 0.11 21.33
C GLY B 156 4.01 -0.16 21.05
N MET B 157 3.22 0.91 21.05
CA MET B 157 1.77 0.81 20.91
C MET B 157 1.35 0.92 19.45
N LEU B 158 0.15 0.40 19.17
CA LEU B 158 -0.44 0.42 17.84
C LEU B 158 -1.89 0.89 17.93
N LEU B 159 -2.29 1.75 16.99
CA LEU B 159 -3.67 2.17 16.79
C LEU B 159 -4.25 2.82 18.05
N PRO B 160 -4.08 4.13 18.23
CA PRO B 160 -4.69 4.80 19.38
C PRO B 160 -6.19 4.89 19.24
N CYS B 161 -6.89 4.69 20.36
CA CYS B 161 -8.35 4.68 20.37
C CYS B 161 -8.89 5.56 21.49
N ILE B 163 -7.91 7.98 25.46
CA ILE B 163 -6.92 8.59 26.35
C ILE B 163 -5.96 7.53 26.87
N ASP B 164 -4.76 7.50 26.30
CA ASP B 164 -3.72 6.53 26.66
C ASP B 164 -4.21 5.09 26.46
N ARG B 165 -5.02 4.89 25.42
CA ARG B 165 -5.57 3.58 25.11
C ARG B 165 -5.30 3.26 23.65
N PHE B 166 -5.04 1.98 23.37
CA PHE B 166 -4.63 1.55 22.04
C PHE B 166 -5.32 0.24 21.70
N ARG B 167 -5.36 -0.06 20.40
CA ARG B 167 -5.98 -1.28 19.90
C ARG B 167 -4.96 -2.39 19.63
N GLY B 168 -3.67 -2.10 19.69
CA GLY B 168 -2.68 -3.11 19.36
C GLY B 168 -1.35 -2.83 20.01
N VAL B 169 -0.40 -3.72 19.72
CA VAL B 169 0.95 -3.64 20.29
C VAL B 169 1.92 -4.34 19.34
N GLU B 170 3.15 -3.87 19.34
CA GLU B 170 4.26 -4.50 18.64
C GLU B 170 5.43 -4.62 19.59
N PHE B 171 6.18 -5.72 19.49
CA PHE B 171 7.26 -5.94 20.43
C PHE B 171 8.29 -6.87 19.83
N VAL B 172 9.42 -7.00 20.53
CA VAL B 172 10.55 -7.81 20.11
C VAL B 172 10.96 -8.72 21.26
N CYS B 173 11.04 -10.02 20.99
CA CYS B 173 11.53 -11.00 21.96
C CYS B 173 12.92 -11.46 21.55
N CYS B 174 13.75 -11.72 22.55
CA CYS B 174 15.13 -12.16 22.31
C CYS B 174 15.50 -13.26 23.30
N PRO B 175 16.37 -14.19 22.90
CA PRO B 175 16.71 -15.32 23.77
C PRO B 175 17.30 -14.88 25.10
N MET B 176 17.20 -15.79 26.08
CA MET B 176 17.67 -15.53 27.44
C MET B 176 19.12 -15.95 27.60
N GLU B 177 19.85 -15.19 28.41
CA GLU B 177 21.25 -15.45 28.73
C GLU B 177 22.10 -15.62 27.47
#